data_7RKK
#
_entry.id   7RKK
#
_cell.length_a   115.124
_cell.length_b   45.676
_cell.length_c   101.743
_cell.angle_alpha   90.000
_cell.angle_beta   115.247
_cell.angle_gamma   90.000
#
_symmetry.space_group_name_H-M   'C 1 2 1'
#
loop_
_entity.id
_entity.type
_entity.pdbx_description
1 polymer 'NNMT protein'
2 non-polymer 3-[3-(acetyl{[(1R,2R,3S,4R)-4-(4-chloro-7H-pyrrolo[2,3-d]pyrimidin-7-yl)-2,3-dihydroxycyclopentyl]methyl}amino)prop-1-yn-1-yl]benzamide
3 water water
#
_entity_poly.entity_id   1
_entity_poly.type   'polypeptide(L)'
_entity_poly.pdbx_seq_one_letter_code
;MGSSHHHHHHSSGLVPRGSMESGFTSKDTYLSHFNPRDYLEKYYKFGSRHSAESQILKHLLKNLFKIFCLDGVKGDLLID
IGSGPTIYQLLSACESFKEIVVTDYSDQNLQELEKWLKAAPAAFDWSPVVTYVCDLEGNRVKGPEKEEKLRQAVKQVLKC
DVTQSQPLGAVPLPPADCVLSTLCLDAACPDLPTYCRALRNLGSLLKPGGFLVIMDALKSSYYMIGEQKFSSLPLGREAV
EAAVKEAGYTIEWFEVISQSYSSTMANNEGLFSLVARKLSRPL
;
_entity_poly.pdbx_strand_id   A,B
#
loop_
_chem_comp.id
_chem_comp.type
_chem_comp.name
_chem_comp.formula
5R4 non-polymer 3-[3-(acetyl{[(1R,2R,3S,4R)-4-(4-chloro-7H-pyrrolo[2,3-d]pyrimidin-7-yl)-2,3-dihydroxycyclopentyl]methyl}amino)prop-1-yn-1-yl]benzamide 'C24 H24 Cl N5 O4'
#
# COMPACT_ATOMS: atom_id res chain seq x y z
N HIS A 10 11.04 -31.06 -22.63
CA HIS A 10 9.94 -31.24 -21.69
C HIS A 10 10.40 -32.04 -20.47
N SER A 11 9.97 -31.58 -19.29
CA SER A 11 10.44 -32.16 -18.02
C SER A 11 9.34 -32.75 -17.16
N SER A 12 8.07 -32.47 -17.45
CA SER A 12 6.93 -33.04 -16.72
C SER A 12 6.97 -32.65 -15.24
N GLY A 13 7.01 -31.34 -15.00
CA GLY A 13 6.94 -30.80 -13.66
C GLY A 13 8.24 -30.80 -12.88
N LEU A 14 9.28 -31.50 -13.36
CA LEU A 14 10.57 -31.46 -12.70
C LEU A 14 11.12 -30.04 -12.66
N VAL A 15 11.22 -29.40 -13.81
CA VAL A 15 11.58 -27.99 -13.91
C VAL A 15 10.53 -27.29 -14.77
N PRO A 16 10.44 -25.97 -14.69
CA PRO A 16 9.48 -25.25 -15.53
C PRO A 16 9.71 -25.49 -17.01
N ARG A 17 8.66 -25.28 -17.80
CA ARG A 17 8.73 -25.50 -19.23
C ARG A 17 9.74 -24.57 -19.88
N GLY A 18 10.45 -25.09 -20.89
CA GLY A 18 11.46 -24.30 -21.58
C GLY A 18 12.56 -23.81 -20.67
N SER A 19 12.97 -24.61 -19.70
CA SER A 19 13.98 -24.19 -18.75
C SER A 19 15.04 -25.25 -18.45
N MET A 20 14.95 -26.44 -19.05
CA MET A 20 15.92 -27.48 -18.73
C MET A 20 17.34 -27.08 -19.13
N GLU A 21 17.48 -26.20 -20.12
CA GLU A 21 18.81 -25.84 -20.60
C GLU A 21 19.44 -24.74 -19.75
N SER A 22 18.75 -23.62 -19.60
CA SER A 22 19.28 -22.45 -18.91
C SER A 22 18.81 -22.32 -17.47
N GLY A 23 17.85 -23.15 -17.06
CA GLY A 23 17.24 -23.09 -15.74
C GLY A 23 16.04 -22.17 -15.66
N PHE A 24 15.98 -21.15 -16.49
CA PHE A 24 14.84 -20.23 -16.54
C PHE A 24 14.03 -20.44 -17.81
N THR A 25 12.71 -20.31 -17.70
CA THR A 25 11.81 -20.43 -18.84
C THR A 25 12.17 -19.43 -19.93
N SER A 26 12.56 -19.94 -21.10
CA SER A 26 12.94 -19.09 -22.21
C SER A 26 11.74 -18.29 -22.73
N LYS A 27 12.05 -17.13 -23.33
CA LYS A 27 11.02 -16.27 -23.92
C LYS A 27 10.15 -17.00 -24.92
N ASP A 28 10.75 -17.82 -25.78
CA ASP A 28 9.98 -18.51 -26.83
C ASP A 28 8.92 -19.43 -26.25
N THR A 29 9.08 -19.88 -25.01
CA THR A 29 8.05 -20.73 -24.39
C THR A 29 6.73 -19.99 -24.23
N TYR A 30 6.76 -18.65 -24.18
CA TYR A 30 5.52 -17.88 -24.05
C TYR A 30 4.80 -17.73 -25.38
N LEU A 31 5.46 -17.95 -26.50
CA LEU A 31 4.81 -17.97 -27.81
C LEU A 31 4.22 -19.33 -28.15
N SER A 32 4.56 -20.38 -27.40
CA SER A 32 4.10 -21.73 -27.70
C SER A 32 3.16 -22.28 -26.63
N HIS A 33 3.60 -22.34 -25.38
CA HIS A 33 2.90 -23.10 -24.35
C HIS A 33 2.05 -22.25 -23.41
N PHE A 34 2.19 -20.93 -23.43
CA PHE A 34 1.39 -20.08 -22.54
C PHE A 34 0.03 -19.86 -23.19
N ASN A 35 -0.98 -20.58 -22.69
CA ASN A 35 -2.34 -20.43 -23.18
C ASN A 35 -3.03 -19.34 -22.38
N PRO A 36 -3.34 -18.18 -22.98
CA PRO A 36 -3.92 -17.09 -22.18
C PRO A 36 -5.29 -17.40 -21.63
N ARG A 37 -6.11 -18.18 -22.36
CA ARG A 37 -7.45 -18.47 -21.87
C ARG A 37 -7.40 -19.42 -20.68
N ASP A 38 -6.45 -20.36 -20.67
CA ASP A 38 -6.23 -21.16 -19.47
C ASP A 38 -5.73 -20.30 -18.32
N TYR A 39 -4.86 -19.34 -18.61
CA TYR A 39 -4.33 -18.45 -17.57
C TYR A 39 -5.43 -17.56 -17.00
N LEU A 40 -6.21 -16.93 -17.87
CA LEU A 40 -7.33 -16.09 -17.42
C LEU A 40 -8.31 -16.91 -16.58
N GLU A 41 -8.73 -18.06 -17.08
CA GLU A 41 -9.70 -18.89 -16.36
C GLU A 41 -9.15 -19.38 -15.03
N LYS A 42 -7.82 -19.47 -14.91
CA LYS A 42 -7.19 -20.00 -13.70
C LYS A 42 -6.96 -18.92 -12.66
N TYR A 43 -6.49 -17.75 -13.06
CA TYR A 43 -6.04 -16.72 -12.13
C TYR A 43 -6.96 -15.52 -11.99
N TYR A 44 -7.91 -15.33 -12.90
CA TYR A 44 -8.69 -14.09 -12.88
C TYR A 44 -10.18 -14.34 -13.02
N LYS A 45 -10.65 -15.49 -12.55
CA LYS A 45 -12.09 -15.74 -12.44
C LYS A 45 -12.58 -15.09 -11.16
N PHE A 46 -13.36 -14.02 -11.28
CA PHE A 46 -13.91 -13.34 -10.12
C PHE A 46 -15.20 -13.97 -9.60
N GLY A 47 -15.46 -15.24 -9.93
CA GLY A 47 -16.68 -15.89 -9.48
C GLY A 47 -16.72 -16.05 -7.97
N SER A 48 -15.89 -16.93 -7.44
CA SER A 48 -15.71 -17.04 -5.99
C SER A 48 -14.77 -15.92 -5.55
N ARG A 49 -15.34 -14.86 -4.96
CA ARG A 49 -14.54 -13.72 -4.55
C ARG A 49 -13.72 -13.99 -3.29
N HIS A 50 -13.88 -15.17 -2.68
CA HIS A 50 -13.11 -15.53 -1.49
C HIS A 50 -12.11 -16.64 -1.79
N SER A 51 -11.40 -16.55 -2.91
CA SER A 51 -10.32 -17.47 -3.21
C SER A 51 -8.98 -16.76 -3.09
N ALA A 52 -7.92 -17.53 -2.83
CA ALA A 52 -6.59 -16.96 -2.67
C ALA A 52 -6.19 -16.16 -3.89
N GLU A 53 -6.63 -16.58 -5.07
CA GLU A 53 -6.33 -15.83 -6.29
C GLU A 53 -7.11 -14.53 -6.32
N SER A 54 -8.40 -14.58 -5.96
CA SER A 54 -9.21 -13.37 -5.92
C SER A 54 -8.68 -12.38 -4.90
N GLN A 55 -8.14 -12.88 -3.78
CA GLN A 55 -7.58 -11.99 -2.76
C GLN A 55 -6.34 -11.28 -3.28
N ILE A 56 -5.49 -11.99 -4.04
CA ILE A 56 -4.36 -11.33 -4.69
C ILE A 56 -4.86 -10.24 -5.62
N LEU A 57 -5.70 -10.63 -6.61
CA LEU A 57 -6.27 -9.66 -7.54
C LEU A 57 -6.96 -8.52 -6.82
N LYS A 58 -7.69 -8.83 -5.74
CA LYS A 58 -8.38 -7.80 -4.99
C LYS A 58 -7.40 -6.80 -4.38
N HIS A 59 -6.21 -7.27 -3.98
CA HIS A 59 -5.24 -6.36 -3.39
C HIS A 59 -4.48 -5.60 -4.47
N LEU A 60 -4.21 -6.26 -5.61
CA LEU A 60 -3.62 -5.56 -6.75
C LEU A 60 -4.47 -4.36 -7.15
N LEU A 61 -5.76 -4.60 -7.40
CA LEU A 61 -6.69 -3.53 -7.75
C LEU A 61 -6.71 -2.45 -6.67
N LYS A 62 -6.81 -2.84 -5.41
CA LYS A 62 -6.81 -1.86 -4.32
C LYS A 62 -5.56 -1.00 -4.36
N ASN A 63 -4.41 -1.59 -4.66
CA ASN A 63 -3.19 -0.80 -4.75
C ASN A 63 -3.18 0.06 -6.01
N LEU A 64 -3.55 -0.53 -7.16
CA LEU A 64 -3.69 0.25 -8.39
C LEU A 64 -4.66 1.41 -8.19
N PHE A 65 -5.76 1.17 -7.47
CA PHE A 65 -6.69 2.25 -7.15
C PHE A 65 -6.01 3.34 -6.33
N LYS A 66 -5.16 2.95 -5.37
CA LYS A 66 -4.50 3.94 -4.54
C LYS A 66 -3.48 4.76 -5.33
N ILE A 67 -2.77 4.12 -6.25
CA ILE A 67 -1.73 4.81 -7.01
C ILE A 67 -2.36 5.78 -8.02
N PHE A 68 -3.41 5.35 -8.71
CA PHE A 68 -3.87 6.06 -9.90
C PHE A 68 -5.01 7.02 -9.63
N CYS A 69 -5.90 6.72 -8.68
CA CYS A 69 -7.01 7.61 -8.37
C CYS A 69 -6.76 8.48 -7.14
N LEU A 70 -6.10 7.93 -6.12
CA LEU A 70 -5.86 8.66 -4.87
C LEU A 70 -4.57 9.47 -4.92
N ASP A 71 -3.47 8.86 -5.36
CA ASP A 71 -2.19 9.55 -5.46
C ASP A 71 -2.16 10.50 -6.65
N GLY A 72 -0.96 10.92 -7.05
CA GLY A 72 -0.80 11.85 -8.16
C GLY A 72 -0.26 11.26 -9.44
N VAL A 73 -0.20 9.94 -9.57
CA VAL A 73 0.32 9.31 -10.79
C VAL A 73 -0.71 9.49 -11.90
N LYS A 74 -0.38 10.33 -12.87
CA LYS A 74 -1.29 10.70 -13.96
C LYS A 74 -0.51 11.52 -14.98
N GLY A 75 -0.92 11.43 -16.23
CA GLY A 75 -0.22 12.13 -17.28
C GLY A 75 -0.80 11.82 -18.64
N ASP A 76 0.01 12.05 -19.67
CA ASP A 76 -0.45 11.86 -21.04
C ASP A 76 -0.36 10.41 -21.46
N LEU A 77 0.78 9.77 -21.22
CA LEU A 77 1.05 8.42 -21.72
C LEU A 77 1.44 7.50 -20.58
N LEU A 78 0.78 6.34 -20.51
CA LEU A 78 1.15 5.27 -19.60
C LEU A 78 1.47 4.03 -20.43
N ILE A 79 2.72 3.59 -20.39
CA ILE A 79 3.14 2.37 -21.06
C ILE A 79 2.99 1.21 -20.08
N ASP A 80 2.21 0.20 -20.47
CA ASP A 80 2.03 -0.99 -19.67
C ASP A 80 2.91 -2.10 -20.22
N ILE A 81 3.92 -2.50 -19.43
CA ILE A 81 4.84 -3.57 -19.82
C ILE A 81 4.37 -4.86 -19.19
N GLY A 82 4.31 -5.92 -19.99
CA GLY A 82 3.80 -7.18 -19.50
C GLY A 82 2.32 -7.12 -19.18
N SER A 83 1.50 -6.86 -20.20
CA SER A 83 0.06 -6.80 -19.98
C SER A 83 -0.54 -8.18 -19.80
N GLY A 84 0.12 -9.22 -20.34
CA GLY A 84 -0.47 -10.53 -20.39
C GLY A 84 -1.77 -10.49 -21.16
N PRO A 85 -2.70 -11.38 -20.81
CA PRO A 85 -4.04 -11.31 -21.41
C PRO A 85 -5.00 -10.51 -20.54
N THR A 86 -4.47 -9.74 -19.60
CA THR A 86 -5.25 -9.12 -18.55
C THR A 86 -5.30 -7.60 -18.73
N ILE A 87 -6.41 -7.02 -18.31
CA ILE A 87 -6.63 -5.58 -18.35
C ILE A 87 -6.98 -4.98 -17.00
N TYR A 88 -7.06 -5.80 -15.94
CA TYR A 88 -7.36 -5.30 -14.61
C TYR A 88 -6.41 -4.19 -14.20
N GLN A 89 -5.14 -4.30 -14.57
CA GLN A 89 -4.12 -3.33 -14.17
C GLN A 89 -4.34 -1.94 -14.76
N LEU A 90 -5.25 -1.81 -15.72
CA LEU A 90 -5.48 -0.55 -16.41
C LEU A 90 -6.77 0.14 -15.98
N LEU A 91 -7.65 -0.55 -15.26
CA LEU A 91 -8.96 0.01 -14.92
C LEU A 91 -8.82 1.31 -14.13
N SER A 92 -7.94 1.33 -13.13
CA SER A 92 -7.76 2.54 -12.35
C SER A 92 -6.93 3.58 -13.10
N ALA A 93 -5.85 3.14 -13.76
CA ALA A 93 -5.01 4.06 -14.53
C ALA A 93 -5.80 4.76 -15.62
N CYS A 94 -6.86 4.12 -16.13
CA CYS A 94 -7.65 4.71 -17.19
C CYS A 94 -8.29 6.03 -16.77
N GLU A 95 -8.64 6.18 -15.50
CA GLU A 95 -9.16 7.45 -14.99
C GLU A 95 -8.10 8.53 -14.93
N SER A 96 -6.82 8.19 -15.07
CA SER A 96 -5.74 9.15 -14.86
C SER A 96 -4.86 9.38 -16.08
N PHE A 97 -5.08 8.66 -17.17
CA PHE A 97 -4.22 8.79 -18.34
C PHE A 97 -5.06 8.87 -19.60
N LYS A 98 -4.80 9.90 -20.42
CA LYS A 98 -5.55 10.08 -21.65
C LYS A 98 -5.29 8.97 -22.65
N GLU A 99 -4.11 8.36 -22.60
CA GLU A 99 -3.75 7.30 -23.54
C GLU A 99 -2.97 6.22 -22.79
N ILE A 100 -3.41 4.97 -22.96
CA ILE A 100 -2.72 3.79 -22.42
C ILE A 100 -2.16 3.00 -23.58
N VAL A 101 -0.96 2.46 -23.41
CA VAL A 101 -0.34 1.55 -24.37
C VAL A 101 -0.08 0.22 -23.66
N VAL A 102 -0.64 -0.86 -24.20
CA VAL A 102 -0.46 -2.20 -23.66
C VAL A 102 0.59 -2.94 -24.48
N THR A 103 1.47 -3.66 -23.80
CA THR A 103 2.53 -4.42 -24.46
C THR A 103 2.63 -5.79 -23.82
N ASP A 104 3.21 -6.73 -24.57
CA ASP A 104 3.42 -8.10 -24.10
C ASP A 104 4.25 -8.85 -25.13
N TYR A 105 5.00 -9.85 -24.64
CA TYR A 105 5.79 -10.70 -25.52
C TYR A 105 4.96 -11.75 -26.23
N SER A 106 3.90 -12.25 -25.60
CA SER A 106 3.15 -13.37 -26.12
C SER A 106 2.12 -12.90 -27.14
N ASP A 107 2.26 -13.39 -28.38
CA ASP A 107 1.27 -13.07 -29.41
C ASP A 107 -0.13 -13.51 -28.99
N GLN A 108 -0.25 -14.70 -28.39
CA GLN A 108 -1.55 -15.15 -27.92
C GLN A 108 -2.13 -14.22 -26.87
N ASN A 109 -1.26 -13.60 -26.06
CA ASN A 109 -1.73 -12.62 -25.09
C ASN A 109 -2.27 -11.37 -25.79
N LEU A 110 -1.48 -10.81 -26.71
CA LEU A 110 -1.96 -9.74 -27.57
C LEU A 110 -3.23 -10.14 -28.29
N GLN A 111 -3.29 -11.38 -28.78
CA GLN A 111 -4.47 -11.86 -29.49
C GLN A 111 -5.71 -11.76 -28.62
N GLU A 112 -5.63 -12.25 -27.38
CA GLU A 112 -6.78 -12.15 -26.48
C GLU A 112 -7.03 -10.72 -26.04
N LEU A 113 -5.98 -9.90 -25.93
CA LEU A 113 -6.17 -8.49 -25.61
C LEU A 113 -6.96 -7.78 -26.70
N GLU A 114 -6.57 -8.00 -27.97
CA GLU A 114 -7.25 -7.33 -29.06
C GLU A 114 -8.70 -7.80 -29.20
N LYS A 115 -9.00 -9.02 -28.77
CA LYS A 115 -10.39 -9.48 -28.80
C LYS A 115 -11.25 -8.71 -27.81
N TRP A 116 -10.67 -8.40 -26.64
CA TRP A 116 -11.38 -7.61 -25.64
C TRP A 116 -11.44 -6.14 -26.00
N LEU A 117 -10.37 -5.61 -26.61
CA LEU A 117 -10.36 -4.21 -26.99
C LEU A 117 -11.45 -3.88 -27.99
N LYS A 118 -11.86 -4.84 -28.82
CA LYS A 118 -12.94 -4.65 -29.77
C LYS A 118 -14.27 -5.17 -29.27
N ALA A 119 -14.33 -5.69 -28.04
CA ALA A 119 -15.57 -6.13 -27.42
C ALA A 119 -16.19 -7.30 -28.18
N ALA A 120 -15.34 -8.22 -28.65
CA ALA A 120 -15.83 -9.42 -29.30
C ALA A 120 -16.55 -10.32 -28.29
N PRO A 121 -17.56 -11.07 -28.73
CA PRO A 121 -18.30 -11.92 -27.78
C PRO A 121 -17.46 -13.05 -27.21
N ALA A 122 -16.51 -13.60 -27.98
CA ALA A 122 -15.67 -14.68 -27.49
C ALA A 122 -14.53 -14.19 -26.61
N ALA A 123 -14.43 -12.90 -26.36
CA ALA A 123 -13.38 -12.36 -25.50
C ALA A 123 -13.68 -12.67 -24.04
N PHE A 124 -12.62 -12.76 -23.23
CA PHE A 124 -12.78 -13.03 -21.81
C PHE A 124 -13.64 -11.96 -21.16
N ASP A 125 -14.48 -12.39 -20.21
CA ASP A 125 -15.44 -11.50 -19.55
C ASP A 125 -14.81 -10.92 -18.29
N TRP A 126 -14.47 -9.63 -18.34
CA TRP A 126 -13.92 -8.92 -17.19
C TRP A 126 -14.97 -8.15 -16.41
N SER A 127 -16.27 -8.34 -16.72
CA SER A 127 -17.30 -7.52 -16.10
C SER A 127 -17.35 -7.64 -14.58
N PRO A 128 -17.21 -8.81 -13.94
CA PRO A 128 -17.17 -8.82 -12.47
C PRO A 128 -15.97 -8.10 -11.90
N VAL A 129 -14.84 -8.11 -12.61
CA VAL A 129 -13.66 -7.38 -12.15
C VAL A 129 -13.86 -5.89 -12.30
N VAL A 130 -14.45 -5.46 -13.42
CA VAL A 130 -14.71 -4.04 -13.65
C VAL A 130 -15.61 -3.48 -12.55
N THR A 131 -16.63 -4.24 -12.15
CA THR A 131 -17.56 -3.76 -11.13
C THR A 131 -16.86 -3.45 -9.82
N TYR A 132 -15.97 -4.35 -9.37
CA TYR A 132 -15.28 -4.14 -8.10
C TYR A 132 -14.47 -2.84 -8.13
N VAL A 133 -13.78 -2.58 -9.24
CA VAL A 133 -13.03 -1.33 -9.36
C VAL A 133 -13.98 -0.13 -9.31
N CYS A 134 -15.08 -0.21 -10.07
CA CYS A 134 -16.12 0.82 -10.01
C CYS A 134 -16.51 1.13 -8.57
N ASP A 135 -16.70 0.08 -7.76
CA ASP A 135 -16.99 0.28 -6.34
C ASP A 135 -15.87 1.03 -5.65
N LEU A 136 -14.61 0.63 -5.92
CA LEU A 136 -13.46 1.33 -5.33
C LEU A 136 -13.46 2.81 -5.69
N GLU A 137 -13.79 3.13 -6.95
CA GLU A 137 -13.87 4.49 -7.44
C GLU A 137 -15.17 5.20 -7.01
N GLY A 138 -15.84 4.71 -5.97
CA GLY A 138 -17.01 5.37 -5.43
C GLY A 138 -18.28 5.24 -6.25
N ASN A 139 -18.29 4.35 -7.24
CA ASN A 139 -19.44 4.16 -8.13
C ASN A 139 -19.86 5.46 -8.82
N ARG A 140 -18.87 6.21 -9.30
CA ARG A 140 -19.16 7.36 -10.15
C ARG A 140 -19.67 6.93 -11.52
N VAL A 141 -19.38 5.70 -11.92
CA VAL A 141 -19.82 5.14 -13.19
C VAL A 141 -20.38 3.74 -12.95
N LYS A 142 -20.73 3.07 -14.04
CA LYS A 142 -21.17 1.68 -13.99
C LYS A 142 -20.20 0.80 -14.78
N GLY A 143 -20.44 -0.50 -14.73
CA GLY A 143 -19.64 -1.48 -15.42
C GLY A 143 -19.38 -1.19 -16.88
N PRO A 144 -20.46 -1.18 -17.69
CA PRO A 144 -20.27 -0.92 -19.14
C PRO A 144 -19.57 0.39 -19.45
N GLU A 145 -19.99 1.49 -18.82
CA GLU A 145 -19.33 2.79 -19.05
C GLU A 145 -17.84 2.71 -18.76
N LYS A 146 -17.47 2.03 -17.67
CA LYS A 146 -16.06 1.89 -17.30
C LYS A 146 -15.26 1.21 -18.41
N GLU A 147 -15.71 0.03 -18.84
CA GLU A 147 -15.02 -0.72 -19.90
C GLU A 147 -14.82 0.13 -21.15
N GLU A 148 -15.85 0.86 -21.57
CA GLU A 148 -15.74 1.70 -22.76
C GLU A 148 -14.67 2.77 -22.58
N LYS A 149 -14.59 3.34 -21.38
CA LYS A 149 -13.59 4.36 -21.12
C LYS A 149 -12.18 3.79 -21.24
N LEU A 150 -11.95 2.62 -20.63
CA LEU A 150 -10.66 1.95 -20.77
C LEU A 150 -10.39 1.57 -22.22
N ARG A 151 -11.38 0.98 -22.89
CA ARG A 151 -11.22 0.59 -24.29
C ARG A 151 -10.87 1.78 -25.17
N GLN A 152 -11.39 2.96 -24.85
CA GLN A 152 -11.10 4.16 -25.64
C GLN A 152 -9.71 4.72 -25.36
N ALA A 153 -9.12 4.39 -24.21
CA ALA A 153 -7.83 4.95 -23.83
C ALA A 153 -6.65 4.11 -24.32
N VAL A 154 -6.88 2.83 -24.63
CA VAL A 154 -5.82 1.96 -25.12
C VAL A 154 -5.69 2.19 -26.62
N LYS A 155 -4.68 2.97 -27.01
CA LYS A 155 -4.49 3.34 -28.41
C LYS A 155 -3.55 2.41 -29.17
N GLN A 156 -2.71 1.64 -28.48
CA GLN A 156 -1.74 0.79 -29.15
C GLN A 156 -1.61 -0.53 -28.41
N VAL A 157 -1.37 -1.59 -29.19
CA VAL A 157 -1.16 -2.95 -28.69
C VAL A 157 0.14 -3.42 -29.34
N LEU A 158 1.24 -3.39 -28.59
CA LEU A 158 2.58 -3.52 -29.15
C LEU A 158 3.30 -4.74 -28.60
N LYS A 159 4.19 -5.28 -29.42
CA LYS A 159 5.13 -6.30 -28.98
C LYS A 159 6.07 -5.74 -27.92
N CYS A 160 6.58 -6.60 -27.06
CA CYS A 160 7.45 -6.15 -25.97
C CYS A 160 8.52 -7.18 -25.67
N ASP A 161 9.71 -6.70 -25.35
CA ASP A 161 10.84 -7.56 -24.98
C ASP A 161 11.70 -6.79 -23.99
N VAL A 162 11.67 -7.20 -22.72
CA VAL A 162 12.41 -6.47 -21.68
C VAL A 162 13.90 -6.76 -21.70
N THR A 163 14.34 -7.76 -22.47
CA THR A 163 15.75 -8.06 -22.59
C THR A 163 16.42 -7.29 -23.72
N GLN A 164 15.67 -6.42 -24.41
CA GLN A 164 16.20 -5.58 -25.46
C GLN A 164 16.42 -4.16 -24.97
N SER A 165 17.48 -3.53 -25.50
CA SER A 165 17.73 -2.13 -25.17
C SER A 165 16.55 -1.26 -25.57
N GLN A 166 15.90 -1.60 -26.68
CA GLN A 166 14.65 -0.99 -27.12
C GLN A 166 13.52 -1.95 -26.81
N PRO A 167 12.81 -1.79 -25.68
CA PRO A 167 11.84 -2.83 -25.29
C PRO A 167 10.64 -2.92 -26.20
N LEU A 168 10.22 -1.82 -26.83
CA LEU A 168 9.09 -1.82 -27.74
C LEU A 168 9.54 -1.78 -29.21
N GLY A 169 10.74 -2.25 -29.50
CA GLY A 169 11.23 -2.32 -30.86
C GLY A 169 11.49 -0.95 -31.44
N ALA A 170 11.27 -0.83 -32.76
CA ALA A 170 11.47 0.43 -33.47
C ALA A 170 10.27 1.36 -33.36
N VAL A 171 9.19 0.95 -32.72
CA VAL A 171 7.97 1.75 -32.60
C VAL A 171 8.29 3.04 -31.86
N PRO A 172 8.14 4.21 -32.51
CA PRO A 172 8.43 5.47 -31.83
C PRO A 172 7.23 5.94 -31.01
N LEU A 173 7.44 6.08 -29.70
CA LEU A 173 6.44 6.65 -28.81
C LEU A 173 7.03 7.85 -28.08
N PRO A 174 6.19 8.83 -27.73
CA PRO A 174 6.63 9.90 -26.85
C PRO A 174 7.02 9.36 -25.48
N PRO A 175 7.86 10.08 -24.74
CA PRO A 175 8.20 9.64 -23.37
C PRO A 175 6.96 9.57 -22.50
N ALA A 176 6.77 8.43 -21.85
CA ALA A 176 5.58 8.22 -21.03
C ALA A 176 5.73 8.85 -19.66
N ASP A 177 4.59 9.21 -19.07
CA ASP A 177 4.61 9.75 -17.72
C ASP A 177 4.73 8.64 -16.69
N CYS A 178 4.23 7.45 -17.00
CA CYS A 178 4.30 6.32 -16.09
C CYS A 178 4.55 5.04 -16.89
N VAL A 179 5.16 4.06 -16.22
CA VAL A 179 5.36 2.72 -16.77
C VAL A 179 4.87 1.73 -15.73
N LEU A 180 3.94 0.87 -16.13
CA LEU A 180 3.29 -0.09 -15.22
C LEU A 180 3.60 -1.50 -15.68
N SER A 181 4.02 -2.34 -14.73
CA SER A 181 4.33 -3.74 -15.01
C SER A 181 3.79 -4.59 -13.88
N THR A 182 2.75 -5.38 -14.16
CA THR A 182 2.14 -6.26 -13.18
C THR A 182 2.50 -7.70 -13.51
N LEU A 183 3.13 -8.39 -12.57
CA LEU A 183 3.43 -9.82 -12.68
C LEU A 183 4.17 -10.16 -13.97
N CYS A 184 5.03 -9.25 -14.42
CA CYS A 184 5.77 -9.44 -15.67
C CYS A 184 7.24 -9.77 -15.44
N LEU A 185 7.96 -8.95 -14.67
CA LEU A 185 9.41 -9.07 -14.61
C LEU A 185 9.87 -10.37 -13.95
N ASP A 186 9.12 -10.87 -12.96
CA ASP A 186 9.47 -12.15 -12.36
C ASP A 186 9.48 -13.26 -13.40
N ALA A 187 8.52 -13.24 -14.32
CA ALA A 187 8.44 -14.28 -15.35
C ALA A 187 9.38 -14.00 -16.51
N ALA A 188 9.71 -12.74 -16.75
CA ALA A 188 10.50 -12.36 -17.93
C ALA A 188 11.99 -12.36 -17.67
N CYS A 189 12.43 -11.92 -16.49
CA CYS A 189 13.85 -11.71 -16.22
C CYS A 189 14.45 -12.96 -15.60
N PRO A 190 15.37 -13.66 -16.29
CA PRO A 190 15.89 -14.92 -15.75
C PRO A 190 16.86 -14.74 -14.59
N ASP A 191 17.43 -13.56 -14.40
CA ASP A 191 18.36 -13.31 -13.31
C ASP A 191 18.30 -11.84 -12.92
N LEU A 192 18.99 -11.51 -11.84
CA LEU A 192 18.99 -10.16 -11.29
C LEU A 192 19.65 -9.13 -12.22
N PRO A 193 20.80 -9.43 -12.84
CA PRO A 193 21.37 -8.46 -13.79
C PRO A 193 20.43 -8.13 -14.94
N THR A 194 19.78 -9.14 -15.53
CA THR A 194 18.79 -8.86 -16.56
C THR A 194 17.58 -8.16 -15.97
N TYR A 195 17.15 -8.57 -14.76
CA TYR A 195 16.12 -7.83 -14.03
C TYR A 195 16.51 -6.37 -13.87
N CYS A 196 17.74 -6.12 -13.42
CA CYS A 196 18.21 -4.74 -13.28
C CYS A 196 18.33 -4.05 -14.63
N ARG A 197 18.84 -4.78 -15.63
CA ARG A 197 19.00 -4.20 -16.96
C ARG A 197 17.64 -3.86 -17.59
N ALA A 198 16.68 -4.79 -17.49
CA ALA A 198 15.34 -4.53 -18.02
C ALA A 198 14.73 -3.29 -17.40
N LEU A 199 14.92 -3.10 -16.09
CA LEU A 199 14.43 -1.89 -15.44
C LEU A 199 15.13 -0.64 -15.96
N ARG A 200 16.37 -0.79 -16.43
CA ARG A 200 17.07 0.33 -17.04
C ARG A 200 16.57 0.60 -18.45
N ASN A 201 16.27 -0.45 -19.21
CA ASN A 201 15.71 -0.28 -20.54
C ASN A 201 14.31 0.32 -20.49
N LEU A 202 13.49 -0.12 -19.53
CA LEU A 202 12.17 0.48 -19.33
C LEU A 202 12.27 1.98 -19.09
N GLY A 203 13.35 2.44 -18.45
CA GLY A 203 13.50 3.86 -18.19
C GLY A 203 13.70 4.68 -19.44
N SER A 204 14.24 4.06 -20.49
CA SER A 204 14.37 4.73 -21.78
C SER A 204 13.03 5.13 -22.38
N LEU A 205 11.93 4.64 -21.83
CA LEU A 205 10.59 5.02 -22.28
C LEU A 205 9.93 6.04 -21.36
N LEU A 206 10.64 6.50 -20.32
CA LEU A 206 10.06 7.32 -19.27
C LEU A 206 10.58 8.75 -19.38
N LYS A 207 9.67 9.73 -19.26
CA LYS A 207 10.05 11.11 -19.01
C LYS A 207 10.97 11.16 -17.79
N PRO A 208 11.93 12.09 -17.76
CA PRO A 208 12.69 12.30 -16.52
C PRO A 208 11.75 12.68 -15.39
N GLY A 209 11.97 12.08 -14.22
CA GLY A 209 11.04 12.21 -13.13
C GLY A 209 9.71 11.52 -13.32
N GLY A 210 9.60 10.63 -14.30
CA GLY A 210 8.38 9.86 -14.49
C GLY A 210 8.28 8.69 -13.54
N PHE A 211 7.08 8.13 -13.45
CA PHE A 211 6.77 7.10 -12.47
C PHE A 211 6.99 5.71 -13.03
N LEU A 212 7.50 4.81 -12.19
CA LEU A 212 7.56 3.38 -12.47
C LEU A 212 6.76 2.65 -11.41
N VAL A 213 5.85 1.79 -11.85
CA VAL A 213 4.97 1.03 -10.97
C VAL A 213 5.16 -0.45 -11.26
N ILE A 214 5.62 -1.20 -10.25
CA ILE A 214 5.90 -2.62 -10.38
C ILE A 214 5.17 -3.36 -9.27
N MET A 215 4.33 -4.32 -9.63
CA MET A 215 3.76 -5.27 -8.68
C MET A 215 4.05 -6.67 -9.18
N ASP A 216 4.71 -7.47 -8.34
CA ASP A 216 5.15 -8.80 -8.73
C ASP A 216 5.21 -9.68 -7.48
N ALA A 217 5.56 -10.95 -7.69
CA ALA A 217 5.64 -11.91 -6.59
C ALA A 217 6.96 -11.75 -5.83
N LEU A 218 6.94 -12.19 -4.58
CA LEU A 218 8.11 -12.22 -3.71
C LEU A 218 8.53 -13.66 -3.46
N LYS A 219 9.82 -13.94 -3.64
CA LYS A 219 10.38 -15.26 -3.35
C LYS A 219 9.64 -16.36 -4.09
N SER A 220 9.54 -16.21 -5.41
CA SER A 220 8.77 -17.12 -6.25
C SER A 220 9.70 -17.72 -7.29
N SER A 221 9.96 -19.02 -7.17
CA SER A 221 10.77 -19.75 -8.13
C SER A 221 9.98 -20.27 -9.32
N TYR A 222 8.65 -20.33 -9.20
CA TYR A 222 7.81 -20.90 -10.24
C TYR A 222 6.37 -20.49 -9.97
N TYR A 223 5.54 -20.60 -11.01
CA TYR A 223 4.10 -20.47 -10.89
C TYR A 223 3.43 -21.42 -11.87
N MET A 224 2.21 -21.82 -11.55
CA MET A 224 1.55 -22.90 -12.26
C MET A 224 0.39 -22.37 -13.09
N ILE A 225 0.23 -22.93 -14.28
CA ILE A 225 -0.95 -22.70 -15.13
C ILE A 225 -1.59 -24.06 -15.33
N GLY A 226 -2.44 -24.47 -14.39
CA GLY A 226 -2.88 -25.84 -14.33
C GLY A 226 -1.71 -26.77 -14.08
N GLU A 227 -1.37 -27.60 -15.07
CA GLU A 227 -0.22 -28.49 -14.96
C GLU A 227 1.04 -27.92 -15.60
N GLN A 228 0.93 -26.81 -16.32
CA GLN A 228 2.08 -26.18 -16.96
C GLN A 228 2.84 -25.34 -15.93
N LYS A 229 4.11 -25.66 -15.72
CA LYS A 229 4.96 -24.88 -14.83
C LYS A 229 5.74 -23.84 -15.61
N PHE A 230 5.89 -22.66 -15.02
CA PHE A 230 6.64 -21.57 -15.63
C PHE A 230 7.61 -20.97 -14.61
N SER A 231 8.76 -20.53 -15.10
CA SER A 231 9.81 -20.03 -14.22
C SER A 231 9.50 -18.62 -13.73
N SER A 232 9.85 -18.37 -12.48
CA SER A 232 9.76 -17.05 -11.88
C SER A 232 11.06 -16.76 -11.14
N LEU A 233 11.50 -15.51 -11.21
CA LEU A 233 12.73 -15.12 -10.52
C LEU A 233 12.44 -14.88 -9.05
N PRO A 234 13.00 -15.68 -8.13
CA PRO A 234 12.70 -15.51 -6.71
C PRO A 234 13.46 -14.31 -6.15
N LEU A 235 12.70 -13.29 -5.73
CA LEU A 235 13.29 -12.00 -5.35
C LEU A 235 12.80 -11.62 -3.97
N GLY A 236 13.73 -11.16 -3.13
CA GLY A 236 13.37 -10.54 -1.88
C GLY A 236 13.15 -9.04 -2.05
N ARG A 237 12.49 -8.46 -1.06
CA ARG A 237 12.30 -7.00 -1.04
C ARG A 237 13.61 -6.27 -1.28
N GLU A 238 14.68 -6.70 -0.63
CA GLU A 238 15.96 -6.01 -0.75
C GLU A 238 16.52 -6.17 -2.16
N ALA A 239 16.51 -7.39 -2.71
CA ALA A 239 16.96 -7.59 -4.08
C ALA A 239 16.16 -6.74 -5.06
N VAL A 240 14.85 -6.63 -4.85
CA VAL A 240 14.02 -5.76 -5.68
C VAL A 240 14.43 -4.31 -5.49
N GLU A 241 14.40 -3.83 -4.25
CA GLU A 241 14.78 -2.45 -3.95
C GLU A 241 16.15 -2.08 -4.53
N ALA A 242 17.11 -3.00 -4.42
CA ALA A 242 18.46 -2.71 -4.90
C ALA A 242 18.50 -2.63 -6.41
N ALA A 243 17.90 -3.61 -7.09
CA ALA A 243 17.85 -3.60 -8.55
C ALA A 243 17.14 -2.36 -9.08
N VAL A 244 16.13 -1.86 -8.37
CA VAL A 244 15.41 -0.67 -8.83
C VAL A 244 16.29 0.56 -8.68
N LYS A 245 16.83 0.77 -7.48
CA LYS A 245 17.73 1.90 -7.25
C LYS A 245 18.91 1.89 -8.23
N GLU A 246 19.44 0.71 -8.54
CA GLU A 246 20.57 0.62 -9.45
C GLU A 246 20.19 1.03 -10.87
N ALA A 247 18.96 0.76 -11.28
CA ALA A 247 18.52 1.06 -12.64
C ALA A 247 18.31 2.54 -12.89
N GLY A 248 18.54 3.40 -11.90
CA GLY A 248 18.36 4.84 -12.08
C GLY A 248 17.02 5.32 -11.58
N TYR A 249 16.55 4.74 -10.46
CA TYR A 249 15.26 5.07 -9.88
C TYR A 249 15.41 5.37 -8.40
N THR A 250 14.55 6.25 -7.91
CA THR A 250 14.34 6.46 -6.48
C THR A 250 12.97 5.90 -6.11
N ILE A 251 12.93 5.10 -5.04
CA ILE A 251 11.70 4.45 -4.63
C ILE A 251 10.88 5.44 -3.81
N GLU A 252 9.66 5.74 -4.26
CA GLU A 252 8.82 6.68 -3.53
C GLU A 252 8.05 5.98 -2.41
N TRP A 253 7.45 4.82 -2.69
CA TRP A 253 6.96 3.96 -1.63
C TRP A 253 7.02 2.51 -2.10
N PHE A 254 6.96 1.60 -1.12
CA PHE A 254 7.26 0.20 -1.34
C PHE A 254 6.48 -0.65 -0.35
N GLU A 255 5.57 -1.47 -0.84
CA GLU A 255 4.71 -2.29 -0.01
C GLU A 255 5.05 -3.76 -0.18
N VAL A 256 4.82 -4.55 0.87
CA VAL A 256 5.03 -5.99 0.87
C VAL A 256 3.87 -6.64 1.61
N ILE A 257 3.24 -7.61 0.98
CA ILE A 257 2.06 -8.28 1.54
C ILE A 257 2.36 -9.75 1.76
N SER A 258 1.68 -10.34 2.73
CA SER A 258 1.93 -11.73 3.11
C SER A 258 1.08 -12.73 2.34
N GLN A 259 -0.10 -12.32 1.88
CA GLN A 259 -0.98 -13.20 1.09
C GLN A 259 -0.23 -13.81 -0.09
N SER A 260 -0.41 -15.12 -0.26
CA SER A 260 0.25 -15.86 -1.33
C SER A 260 -0.79 -16.61 -2.14
N TYR A 261 -0.39 -17.04 -3.33
CA TYR A 261 -1.23 -17.90 -4.15
C TYR A 261 -1.37 -19.27 -3.52
N SER A 262 -2.45 -19.96 -3.92
CA SER A 262 -2.69 -21.31 -3.43
C SER A 262 -1.49 -22.21 -3.70
N SER A 263 -1.34 -23.24 -2.86
CA SER A 263 -0.20 -24.13 -2.97
C SER A 263 -0.12 -24.79 -4.33
N THR A 264 -1.25 -24.95 -5.01
CA THR A 264 -1.28 -25.54 -6.34
C THR A 264 -0.84 -24.57 -7.44
N MET A 265 -0.59 -23.30 -7.11
CA MET A 265 -0.37 -22.30 -8.14
C MET A 265 0.94 -21.53 -8.03
N ALA A 266 1.51 -21.38 -6.85
CA ALA A 266 2.75 -20.62 -6.72
C ALA A 266 3.38 -20.90 -5.37
N ASN A 267 4.71 -20.86 -5.33
CA ASN A 267 5.48 -20.99 -4.11
C ASN A 267 5.95 -19.63 -3.59
N ASN A 268 5.28 -18.55 -3.97
CA ASN A 268 5.72 -17.22 -3.59
C ASN A 268 5.43 -16.96 -2.12
N GLU A 269 6.24 -16.09 -1.52
CA GLU A 269 6.05 -15.71 -0.12
C GLU A 269 5.53 -14.28 -0.04
N GLY A 270 4.43 -14.03 -0.74
CA GLY A 270 3.81 -12.72 -0.76
C GLY A 270 4.06 -11.98 -2.07
N LEU A 271 3.70 -10.71 -2.05
CA LEU A 271 3.83 -9.84 -3.21
C LEU A 271 4.37 -8.50 -2.76
N PHE A 272 4.96 -7.78 -3.71
CA PHE A 272 5.45 -6.43 -3.46
C PHE A 272 4.85 -5.47 -4.48
N SER A 273 4.68 -4.23 -4.05
CA SER A 273 4.18 -3.16 -4.90
C SER A 273 4.97 -1.90 -4.59
N LEU A 274 5.29 -1.13 -5.64
CA LEU A 274 6.12 0.05 -5.43
C LEU A 274 5.84 1.09 -6.51
N VAL A 275 6.11 2.34 -6.17
CA VAL A 275 6.15 3.45 -7.12
C VAL A 275 7.53 4.07 -7.06
N ALA A 276 8.16 4.25 -8.23
CA ALA A 276 9.50 4.78 -8.30
C ALA A 276 9.60 5.79 -9.42
N ARG A 277 10.47 6.79 -9.22
CA ARG A 277 10.70 7.83 -10.21
C ARG A 277 12.11 7.75 -10.76
N LYS A 278 12.28 8.23 -11.99
CA LYS A 278 13.57 8.27 -12.65
C LYS A 278 14.33 9.53 -12.26
N LEU A 279 15.60 9.38 -11.93
CA LEU A 279 16.43 10.50 -11.49
C LEU A 279 16.91 11.32 -12.67
N SER B 22 19.02 8.75 30.63
CA SER B 22 19.13 7.88 29.47
C SER B 22 19.33 8.68 28.18
N GLY B 23 19.17 10.01 28.25
CA GLY B 23 19.29 10.84 27.08
C GLY B 23 18.01 11.00 26.28
N PHE B 24 17.07 10.06 26.42
CA PHE B 24 15.84 10.08 25.67
C PHE B 24 14.78 10.85 26.46
N THR B 25 13.99 11.64 25.75
CA THR B 25 12.95 12.42 26.42
C THR B 25 12.01 11.47 27.15
N SER B 26 12.02 11.54 28.48
CA SER B 26 11.17 10.69 29.28
C SER B 26 9.71 11.05 29.04
N LYS B 27 8.82 10.08 29.26
CA LYS B 27 7.40 10.34 29.16
C LYS B 27 7.00 11.56 29.98
N ASP B 28 7.61 11.73 31.15
CA ASP B 28 7.28 12.87 32.01
C ASP B 28 7.57 14.20 31.32
N THR B 29 8.50 14.22 30.36
CA THR B 29 8.76 15.43 29.59
C THR B 29 7.58 15.81 28.70
N TYR B 30 6.74 14.84 28.33
CA TYR B 30 5.58 15.12 27.50
C TYR B 30 4.42 15.72 28.29
N LEU B 31 4.44 15.60 29.62
CA LEU B 31 3.47 16.27 30.45
C LEU B 31 3.85 17.72 30.74
N SER B 32 5.08 18.10 30.43
CA SER B 32 5.60 19.45 30.69
C SER B 32 5.86 20.23 29.43
N HIS B 33 6.63 19.68 28.49
CA HIS B 33 7.14 20.44 27.35
C HIS B 33 6.36 20.20 26.07
N PHE B 34 5.51 19.17 26.01
CA PHE B 34 4.76 18.86 24.80
C PHE B 34 3.51 19.74 24.76
N ASN B 35 3.54 20.77 23.93
CA ASN B 35 2.40 21.67 23.78
C ASN B 35 1.51 21.12 22.67
N PRO B 36 0.31 20.61 22.98
CA PRO B 36 -0.50 19.97 21.94
C PRO B 36 -1.00 20.91 20.86
N ARG B 37 -1.35 22.16 21.21
CA ARG B 37 -1.84 23.07 20.19
C ARG B 37 -0.70 23.56 19.29
N ASP B 38 0.50 23.70 19.86
CA ASP B 38 1.67 23.98 19.03
C ASP B 38 1.95 22.82 18.08
N TYR B 39 1.75 21.59 18.56
CA TYR B 39 1.96 20.42 17.72
C TYR B 39 0.97 20.36 16.57
N LEU B 40 -0.32 20.57 16.87
CA LEU B 40 -1.34 20.59 15.83
C LEU B 40 -1.03 21.63 14.76
N GLU B 41 -0.75 22.86 15.17
CA GLU B 41 -0.52 23.93 14.21
C GLU B 41 0.71 23.67 13.34
N LYS B 42 1.66 22.89 13.83
CA LYS B 42 2.90 22.65 13.08
C LYS B 42 2.80 21.50 12.10
N TYR B 43 2.18 20.38 12.49
CA TYR B 43 2.24 19.15 11.71
C TYR B 43 0.93 18.79 11.03
N TYR B 44 -0.19 19.41 11.42
CA TYR B 44 -1.49 18.98 10.93
C TYR B 44 -2.35 20.16 10.52
N LYS B 45 -1.74 21.24 10.01
CA LYS B 45 -2.54 22.37 9.55
C LYS B 45 -3.23 22.05 8.25
N PHE B 46 -2.61 21.25 7.39
CA PHE B 46 -3.17 20.81 6.11
C PHE B 46 -3.64 21.98 5.24
N GLY B 47 -3.21 23.20 5.57
CA GLY B 47 -3.58 24.37 4.81
C GLY B 47 -2.98 24.36 3.43
N SER B 48 -1.67 24.54 3.36
CA SER B 48 -0.93 24.33 2.13
C SER B 48 -0.72 22.83 1.97
N ARG B 49 -1.50 22.22 1.08
CA ARG B 49 -1.41 20.77 0.92
C ARG B 49 -0.13 20.34 0.22
N HIS B 50 0.71 21.27 -0.23
CA HIS B 50 1.98 20.95 -0.84
C HIS B 50 3.13 21.30 0.10
N SER B 51 2.96 20.98 1.37
CA SER B 51 4.01 21.09 2.36
C SER B 51 4.46 19.69 2.77
N ALA B 52 5.70 19.59 3.24
CA ALA B 52 6.25 18.29 3.60
C ALA B 52 5.39 17.60 4.66
N GLU B 53 4.82 18.36 5.59
CA GLU B 53 3.97 17.78 6.61
C GLU B 53 2.61 17.38 6.04
N SER B 54 2.01 18.27 5.25
CA SER B 54 0.71 17.98 4.64
C SER B 54 0.79 16.76 3.72
N GLN B 55 1.92 16.60 3.02
CA GLN B 55 2.07 15.43 2.15
C GLN B 55 2.14 14.15 2.97
N ILE B 56 2.80 14.19 4.12
CA ILE B 56 2.81 13.04 5.03
C ILE B 56 1.39 12.68 5.44
N LEU B 57 0.67 13.65 6.03
CA LEU B 57 -0.71 13.44 6.44
C LEU B 57 -1.56 12.89 5.30
N LYS B 58 -1.33 13.37 4.07
CA LYS B 58 -2.08 12.89 2.93
C LYS B 58 -1.90 11.40 2.68
N HIS B 59 -0.70 10.87 2.98
CA HIS B 59 -0.47 9.44 2.76
C HIS B 59 -0.98 8.60 3.91
N LEU B 60 -0.87 9.09 5.15
CA LEU B 60 -1.46 8.40 6.29
C LEU B 60 -2.94 8.14 6.08
N LEU B 61 -3.69 9.19 5.76
CA LEU B 61 -5.12 9.06 5.51
C LEU B 61 -5.41 8.01 4.43
N LYS B 62 -4.68 8.08 3.32
CA LYS B 62 -4.91 7.15 2.22
C LYS B 62 -4.72 5.70 2.66
N ASN B 63 -3.73 5.44 3.51
CA ASN B 63 -3.52 4.08 3.97
C ASN B 63 -4.57 3.66 5.00
N LEU B 64 -4.89 4.54 5.96
CA LEU B 64 -5.97 4.26 6.89
C LEU B 64 -7.27 3.92 6.15
N PHE B 65 -7.54 4.65 5.06
CA PHE B 65 -8.70 4.35 4.24
C PHE B 65 -8.62 2.95 3.64
N LYS B 66 -7.42 2.55 3.20
CA LYS B 66 -7.26 1.23 2.59
C LYS B 66 -7.42 0.12 3.61
N ILE B 67 -6.91 0.32 4.84
CA ILE B 67 -6.98 -0.72 5.85
C ILE B 67 -8.42 -0.90 6.34
N PHE B 68 -9.13 0.20 6.57
CA PHE B 68 -10.40 0.15 7.30
C PHE B 68 -11.62 0.10 6.39
N CYS B 69 -11.59 0.74 5.22
CA CYS B 69 -12.73 0.74 4.32
C CYS B 69 -12.60 -0.26 3.18
N LEU B 70 -11.41 -0.42 2.61
CA LEU B 70 -11.23 -1.32 1.48
C LEU B 70 -10.95 -2.75 1.92
N ASP B 71 -10.04 -2.94 2.86
CA ASP B 71 -9.74 -4.26 3.37
C ASP B 71 -10.85 -4.72 4.32
N GLY B 72 -10.56 -5.75 5.12
CA GLY B 72 -11.53 -6.29 6.06
C GLY B 72 -11.28 -5.94 7.51
N VAL B 73 -10.39 -5.00 7.80
CA VAL B 73 -10.10 -4.64 9.18
C VAL B 73 -11.28 -3.85 9.73
N LYS B 74 -12.04 -4.46 10.64
CA LYS B 74 -13.27 -3.92 11.18
C LYS B 74 -13.73 -4.82 12.32
N GLY B 75 -14.46 -4.24 13.26
CA GLY B 75 -14.91 -5.01 14.40
C GLY B 75 -15.67 -4.16 15.40
N ASP B 76 -15.78 -4.67 16.62
CA ASP B 76 -16.57 -3.99 17.64
C ASP B 76 -15.77 -2.90 18.35
N LEU B 77 -14.54 -3.21 18.77
CA LEU B 77 -13.76 -2.32 19.61
C LEU B 77 -12.41 -2.04 18.95
N LEU B 78 -12.09 -0.76 18.80
CA LEU B 78 -10.78 -0.32 18.34
C LEU B 78 -10.17 0.58 19.40
N ILE B 79 -9.07 0.14 20.00
CA ILE B 79 -8.31 0.97 20.93
C ILE B 79 -7.24 1.70 20.14
N ASP B 80 -7.24 3.03 20.22
CA ASP B 80 -6.22 3.85 19.56
C ASP B 80 -5.19 4.24 20.62
N ILE B 81 -3.97 3.75 20.46
CA ILE B 81 -2.88 4.01 21.39
C ILE B 81 -2.07 5.17 20.87
N GLY B 82 -1.78 6.13 21.75
CA GLY B 82 -1.08 7.33 21.35
C GLY B 82 -1.93 8.16 20.41
N SER B 83 -3.09 8.61 20.89
CA SER B 83 -3.97 9.41 20.05
C SER B 83 -3.43 10.82 19.88
N GLY B 84 -2.67 11.32 20.86
CA GLY B 84 -2.26 12.70 20.88
C GLY B 84 -3.46 13.63 20.86
N PRO B 85 -3.29 14.81 20.27
CA PRO B 85 -4.43 15.71 20.09
C PRO B 85 -5.11 15.53 18.73
N THR B 86 -4.85 14.41 18.07
CA THR B 86 -5.22 14.22 16.68
C THR B 86 -6.34 13.20 16.53
N ILE B 87 -7.16 13.39 15.50
CA ILE B 87 -8.26 12.49 15.18
C ILE B 87 -8.18 11.96 13.75
N TYR B 88 -7.18 12.38 12.97
CA TYR B 88 -7.05 11.89 11.60
C TYR B 88 -7.01 10.37 11.56
N GLN B 89 -6.36 9.75 12.54
CA GLN B 89 -6.22 8.30 12.58
C GLN B 89 -7.54 7.58 12.82
N LEU B 90 -8.59 8.32 13.20
CA LEU B 90 -9.87 7.72 13.55
C LEU B 90 -10.98 7.98 12.54
N LEU B 91 -10.79 8.92 11.61
CA LEU B 91 -11.86 9.29 10.68
C LEU B 91 -12.33 8.08 9.87
N SER B 92 -11.40 7.31 9.33
CA SER B 92 -11.78 6.13 8.56
C SER B 92 -12.18 4.97 9.47
N ALA B 93 -11.44 4.76 10.56
CA ALA B 93 -11.72 3.65 11.46
C ALA B 93 -13.12 3.71 12.05
N CYS B 94 -13.66 4.92 12.24
CA CYS B 94 -15.01 5.03 12.79
C CYS B 94 -16.04 4.37 11.89
N GLU B 95 -15.78 4.34 10.58
CA GLU B 95 -16.67 3.66 9.64
C GLU B 95 -16.65 2.15 9.80
N SER B 96 -15.69 1.59 10.54
CA SER B 96 -15.49 0.16 10.61
C SER B 96 -15.57 -0.40 12.02
N PHE B 97 -15.71 0.44 13.04
CA PHE B 97 -15.68 -0.02 14.42
C PHE B 97 -16.80 0.63 15.21
N LYS B 98 -17.58 -0.21 15.89
CA LYS B 98 -18.71 0.29 16.68
C LYS B 98 -18.24 1.17 17.84
N GLU B 99 -17.04 0.93 18.36
CA GLU B 99 -16.52 1.72 19.46
C GLU B 99 -15.04 1.98 19.26
N ILE B 100 -14.66 3.25 19.39
CA ILE B 100 -13.26 3.66 19.40
C ILE B 100 -12.92 4.13 20.80
N VAL B 101 -11.72 3.79 21.26
CA VAL B 101 -11.19 4.28 22.52
C VAL B 101 -9.90 5.01 22.22
N VAL B 102 -9.84 6.28 22.59
CA VAL B 102 -8.65 7.10 22.39
C VAL B 102 -7.85 7.09 23.69
N THR B 103 -6.53 6.93 23.57
CA THR B 103 -5.65 6.90 24.72
C THR B 103 -4.41 7.73 24.43
N ASP B 104 -3.76 8.15 25.50
CA ASP B 104 -2.54 8.95 25.42
C ASP B 104 -1.96 9.11 26.82
N TYR B 105 -0.64 9.29 26.89
CA TYR B 105 0.00 9.52 28.17
C TYR B 105 -0.21 10.95 28.66
N SER B 106 -0.28 11.90 27.74
CA SER B 106 -0.38 13.31 28.10
C SER B 106 -1.84 13.68 28.35
N ASP B 107 -2.15 14.05 29.59
CA ASP B 107 -3.50 14.50 29.91
C ASP B 107 -3.90 15.71 29.06
N GLN B 108 -2.99 16.66 28.88
CA GLN B 108 -3.28 17.82 28.05
C GLN B 108 -3.59 17.43 26.61
N ASN B 109 -2.97 16.35 26.11
CA ASN B 109 -3.29 15.87 24.77
C ASN B 109 -4.73 15.37 24.72
N LEU B 110 -5.10 14.51 25.66
CA LEU B 110 -6.50 14.12 25.82
C LEU B 110 -7.40 15.35 25.97
N GLN B 111 -6.96 16.34 26.75
CA GLN B 111 -7.74 17.56 26.93
C GLN B 111 -7.98 18.26 25.60
N GLU B 112 -6.92 18.45 24.82
CA GLU B 112 -7.09 19.07 23.50
C GLU B 112 -7.85 18.15 22.55
N LEU B 113 -7.67 16.84 22.69
CA LEU B 113 -8.44 15.89 21.90
C LEU B 113 -9.93 15.95 22.26
N GLU B 114 -10.23 15.91 23.56
CA GLU B 114 -11.62 15.85 24.02
C GLU B 114 -12.42 17.10 23.66
N LYS B 115 -11.75 18.25 23.50
CA LYS B 115 -12.49 19.46 23.14
C LYS B 115 -13.05 19.39 21.72
N TRP B 116 -12.36 18.72 20.79
CA TRP B 116 -12.90 18.61 19.44
C TRP B 116 -14.06 17.61 19.41
N LEU B 117 -13.96 16.52 20.19
CA LEU B 117 -15.04 15.55 20.24
C LEU B 117 -16.33 16.17 20.75
N LYS B 118 -16.22 17.21 21.58
CA LYS B 118 -17.38 17.93 22.10
C LYS B 118 -17.68 19.20 21.31
N ALA B 119 -16.94 19.45 20.23
CA ALA B 119 -17.21 20.57 19.31
C ALA B 119 -17.05 21.92 20.00
N ALA B 120 -16.01 22.05 20.82
CA ALA B 120 -15.70 23.32 21.43
C ALA B 120 -15.27 24.33 20.36
N PRO B 121 -15.55 25.62 20.57
CA PRO B 121 -15.17 26.61 19.54
C PRO B 121 -13.68 26.75 19.37
N ALA B 122 -12.90 26.60 20.44
CA ALA B 122 -11.45 26.70 20.39
C ALA B 122 -10.80 25.41 19.90
N ALA B 123 -11.58 24.41 19.51
CA ALA B 123 -11.02 23.14 19.06
C ALA B 123 -10.35 23.30 17.70
N PHE B 124 -9.33 22.46 17.48
CA PHE B 124 -8.59 22.48 16.22
C PHE B 124 -9.51 22.18 15.05
N ASP B 125 -9.24 22.82 13.92
CA ASP B 125 -10.07 22.68 12.72
C ASP B 125 -9.52 21.54 11.87
N TRP B 126 -10.22 20.41 11.89
CA TRP B 126 -9.86 19.24 11.09
C TRP B 126 -10.63 19.17 9.77
N SER B 127 -11.31 20.25 9.40
CA SER B 127 -12.18 20.21 8.22
C SER B 127 -11.46 19.80 6.93
N PRO B 128 -10.24 20.29 6.62
CA PRO B 128 -9.57 19.77 5.42
C PRO B 128 -9.27 18.29 5.50
N VAL B 129 -9.00 17.77 6.70
CA VAL B 129 -8.77 16.34 6.85
C VAL B 129 -10.08 15.56 6.73
N VAL B 130 -11.15 16.06 7.37
CA VAL B 130 -12.44 15.40 7.28
C VAL B 130 -12.93 15.38 5.84
N THR B 131 -12.80 16.50 5.14
CA THR B 131 -13.24 16.57 3.74
C THR B 131 -12.44 15.61 2.87
N TYR B 132 -11.11 15.60 3.03
CA TYR B 132 -10.27 14.75 2.20
C TYR B 132 -10.62 13.28 2.36
N VAL B 133 -10.87 12.83 3.60
CA VAL B 133 -11.29 11.45 3.82
C VAL B 133 -12.61 11.18 3.13
N CYS B 134 -13.60 12.06 3.33
CA CYS B 134 -14.88 11.96 2.65
C CYS B 134 -14.71 11.76 1.15
N ASP B 135 -13.80 12.52 0.54
CA ASP B 135 -13.50 12.35 -0.88
C ASP B 135 -13.02 10.93 -1.17
N LEU B 136 -12.15 10.39 -0.32
CA LEU B 136 -11.66 9.02 -0.53
C LEU B 136 -12.82 8.03 -0.62
N GLU B 137 -13.82 8.16 0.25
CA GLU B 137 -15.00 7.32 0.17
C GLU B 137 -15.99 7.77 -0.90
N GLY B 138 -15.59 8.66 -1.80
CA GLY B 138 -16.42 9.04 -2.93
C GLY B 138 -17.62 9.87 -2.59
N ASN B 139 -17.75 10.36 -1.36
CA ASN B 139 -18.93 11.10 -0.92
C ASN B 139 -18.51 12.37 -0.21
N ARG B 140 -18.39 13.46 -0.97
CA ARG B 140 -18.17 14.78 -0.38
C ARG B 140 -19.39 15.25 0.42
N VAL B 141 -20.57 14.68 0.15
CA VAL B 141 -21.79 15.05 0.85
C VAL B 141 -21.88 14.28 2.16
N LYS B 142 -20.79 14.28 2.93
CA LYS B 142 -20.77 13.70 4.26
C LYS B 142 -20.48 14.76 5.33
N GLY B 143 -19.35 15.46 5.22
CA GLY B 143 -18.94 16.54 6.11
C GLY B 143 -19.39 16.40 7.54
N PRO B 144 -20.51 17.07 7.87
CA PRO B 144 -21.04 16.96 9.24
C PRO B 144 -21.33 15.53 9.67
N GLU B 145 -21.97 14.74 8.79
CA GLU B 145 -22.25 13.35 9.11
C GLU B 145 -20.98 12.60 9.48
N LYS B 146 -19.90 12.81 8.73
CA LYS B 146 -18.63 12.14 9.02
C LYS B 146 -18.12 12.53 10.40
N GLU B 147 -17.99 13.84 10.66
CA GLU B 147 -17.57 14.31 11.97
C GLU B 147 -18.46 13.79 13.08
N GLU B 148 -19.78 13.83 12.86
CA GLU B 148 -20.72 13.38 13.88
C GLU B 148 -20.57 11.90 14.19
N LYS B 149 -20.32 11.08 13.16
CA LYS B 149 -20.13 9.65 13.39
C LYS B 149 -18.87 9.39 14.22
N LEU B 150 -17.76 10.04 13.88
CA LEU B 150 -16.55 9.89 14.66
C LEU B 150 -16.76 10.36 16.10
N ARG B 151 -17.37 11.53 16.28
CA ARG B 151 -17.62 12.04 17.63
C ARG B 151 -18.45 11.06 18.45
N GLN B 152 -19.42 10.40 17.82
CA GLN B 152 -20.25 9.43 18.52
C GLN B 152 -19.57 8.09 18.73
N ALA B 153 -18.50 7.79 17.99
CA ALA B 153 -17.85 6.49 18.07
C ALA B 153 -16.77 6.43 19.14
N VAL B 154 -16.25 7.57 19.59
CA VAL B 154 -15.23 7.60 20.63
C VAL B 154 -15.96 7.50 21.98
N LYS B 155 -15.96 6.31 22.57
CA LYS B 155 -16.72 6.06 23.79
C LYS B 155 -15.91 6.27 25.06
N GLN B 156 -14.58 6.25 24.98
CA GLN B 156 -13.72 6.38 26.14
C GLN B 156 -12.51 7.22 25.78
N VAL B 157 -12.05 8.03 26.74
CA VAL B 157 -10.86 8.86 26.59
C VAL B 157 -10.00 8.59 27.82
N LEU B 158 -9.00 7.73 27.67
CA LEU B 158 -8.30 7.16 28.82
C LEU B 158 -6.81 7.49 28.78
N LYS B 159 -6.21 7.60 29.95
CA LYS B 159 -4.76 7.66 30.08
C LYS B 159 -4.17 6.32 29.64
N CYS B 160 -2.94 6.37 29.12
CA CYS B 160 -2.28 5.18 28.64
C CYS B 160 -0.77 5.30 28.81
N ASP B 161 -0.14 4.15 29.04
CA ASP B 161 1.31 4.08 29.18
C ASP B 161 1.74 2.76 28.59
N VAL B 162 2.40 2.80 27.43
CA VAL B 162 2.74 1.58 26.70
C VAL B 162 3.88 0.81 27.32
N THR B 163 4.58 1.38 28.29
CA THR B 163 5.65 0.68 28.97
C THR B 163 5.16 -0.11 30.17
N GLN B 164 3.87 -0.09 30.45
CA GLN B 164 3.30 -0.86 31.55
C GLN B 164 2.63 -2.12 31.02
N SER B 165 2.70 -3.19 31.82
CA SER B 165 2.05 -4.44 31.42
C SER B 165 0.56 -4.24 31.17
N GLN B 166 -0.09 -3.42 31.99
CA GLN B 166 -1.46 -2.98 31.72
C GLN B 166 -1.41 -1.52 31.27
N PRO B 167 -1.46 -1.24 29.97
CA PRO B 167 -1.21 0.13 29.50
C PRO B 167 -2.29 1.12 29.89
N LEU B 168 -3.54 0.68 30.05
CA LEU B 168 -4.62 1.58 30.45
C LEU B 168 -4.97 1.44 31.93
N GLY B 169 -4.00 1.00 32.75
CA GLY B 169 -4.25 0.91 34.18
C GLY B 169 -5.26 -0.18 34.51
N ALA B 170 -6.07 0.09 35.53
CA ALA B 170 -7.10 -0.84 35.98
C ALA B 170 -8.36 -0.80 35.12
N VAL B 171 -8.41 0.07 34.12
CA VAL B 171 -9.58 0.23 33.27
C VAL B 171 -9.91 -1.08 32.57
N PRO B 172 -11.06 -1.70 32.87
CA PRO B 172 -11.41 -2.95 32.20
C PRO B 172 -12.09 -2.73 30.86
N LEU B 173 -11.48 -3.26 29.80
CA LEU B 173 -12.11 -3.24 28.49
C LEU B 173 -12.24 -4.66 27.96
N PRO B 174 -13.26 -4.93 27.14
CA PRO B 174 -13.29 -6.20 26.43
C PRO B 174 -12.09 -6.31 25.52
N PRO B 175 -11.67 -7.53 25.18
CA PRO B 175 -10.55 -7.66 24.24
C PRO B 175 -10.88 -6.96 22.94
N ALA B 176 -9.97 -6.10 22.49
CA ALA B 176 -10.24 -5.27 21.33
C ALA B 176 -9.98 -6.05 20.04
N ASP B 177 -10.72 -5.69 18.99
CA ASP B 177 -10.52 -6.30 17.68
C ASP B 177 -9.32 -5.71 16.96
N CYS B 178 -9.02 -4.44 17.22
CA CYS B 178 -7.88 -3.77 16.60
C CYS B 178 -7.23 -2.84 17.60
N VAL B 179 -5.93 -2.62 17.42
CA VAL B 179 -5.17 -1.64 18.19
C VAL B 179 -4.37 -0.79 17.20
N LEU B 180 -4.55 0.52 17.26
CA LEU B 180 -3.94 1.44 16.32
C LEU B 180 -3.02 2.40 17.07
N SER B 181 -1.80 2.57 16.57
CA SER B 181 -0.83 3.48 17.16
C SER B 181 -0.15 4.25 16.04
N THR B 182 -0.44 5.54 15.95
CA THR B 182 0.15 6.42 14.94
C THR B 182 1.14 7.36 15.62
N LEU B 183 2.40 7.32 15.15
CA LEU B 183 3.44 8.24 15.61
C LEU B 183 3.59 8.25 17.12
N CYS B 184 3.34 7.11 17.76
CA CYS B 184 3.40 6.99 19.21
C CYS B 184 4.62 6.24 19.70
N LEU B 185 4.85 5.02 19.20
CA LEU B 185 5.86 4.15 19.79
C LEU B 185 7.28 4.68 19.58
N ASP B 186 7.54 5.36 18.46
CA ASP B 186 8.86 5.96 18.26
C ASP B 186 9.16 6.98 19.35
N ALA B 187 8.15 7.74 19.77
CA ALA B 187 8.36 8.76 20.79
C ALA B 187 8.35 8.17 22.19
N ALA B 188 7.67 7.04 22.39
CA ALA B 188 7.49 6.48 23.73
C ALA B 188 8.61 5.53 24.12
N CYS B 189 9.11 4.73 23.18
CA CYS B 189 10.06 3.66 23.50
C CYS B 189 11.48 4.17 23.33
N PRO B 190 12.26 4.31 24.40
CA PRO B 190 13.62 4.86 24.26
C PRO B 190 14.62 3.91 23.61
N ASP B 191 14.31 2.62 23.51
CA ASP B 191 15.21 1.66 22.89
C ASP B 191 14.40 0.56 22.25
N LEU B 192 15.08 -0.30 21.49
CA LEU B 192 14.42 -1.38 20.76
C LEU B 192 13.82 -2.41 21.70
N PRO B 193 14.50 -2.84 22.78
CA PRO B 193 13.84 -3.75 23.73
C PRO B 193 12.56 -3.18 24.31
N THR B 194 12.55 -1.89 24.65
CA THR B 194 11.32 -1.27 25.13
C THR B 194 10.27 -1.21 24.03
N TYR B 195 10.69 -0.95 22.79
CA TYR B 195 9.78 -1.03 21.66
C TYR B 195 9.12 -2.40 21.59
N CYS B 196 9.90 -3.47 21.76
CA CYS B 196 9.37 -4.82 21.73
C CYS B 196 8.40 -5.07 22.88
N ARG B 197 8.72 -4.57 24.08
CA ARG B 197 7.86 -4.78 25.24
C ARG B 197 6.51 -4.07 25.05
N ALA B 198 6.54 -2.81 24.59
CA ALA B 198 5.30 -2.08 24.35
C ALA B 198 4.42 -2.82 23.35
N LEU B 199 5.03 -3.42 22.32
CA LEU B 199 4.26 -4.19 21.35
C LEU B 199 3.60 -5.40 22.00
N ARG B 200 4.20 -5.95 23.05
CA ARG B 200 3.57 -7.04 23.78
C ARG B 200 2.49 -6.51 24.72
N ASN B 201 2.70 -5.33 25.30
CA ASN B 201 1.69 -4.72 26.16
C ASN B 201 0.44 -4.39 25.37
N LEU B 202 0.62 -3.91 24.13
CA LEU B 202 -0.52 -3.70 23.25
C LEU B 202 -1.30 -4.99 23.03
N GLY B 203 -0.62 -6.13 23.03
CA GLY B 203 -1.29 -7.41 22.82
C GLY B 203 -2.19 -7.81 23.97
N SER B 204 -1.88 -7.35 25.19
CA SER B 204 -2.76 -7.61 26.32
C SER B 204 -4.12 -6.95 26.16
N LEU B 205 -4.29 -6.06 25.19
CA LEU B 205 -5.56 -5.43 24.89
C LEU B 205 -6.23 -6.01 23.66
N LEU B 206 -5.64 -7.02 23.03
CA LEU B 206 -6.08 -7.52 21.73
C LEU B 206 -6.69 -8.91 21.87
N LYS B 207 -7.84 -9.10 21.21
CA LYS B 207 -8.38 -10.44 20.94
C LYS B 207 -7.31 -11.29 20.26
N PRO B 208 -7.27 -12.59 20.52
CA PRO B 208 -6.42 -13.47 19.71
C PRO B 208 -6.83 -13.38 18.24
N GLY B 209 -5.83 -13.28 17.37
CA GLY B 209 -6.11 -13.00 15.98
C GLY B 209 -6.61 -11.60 15.70
N GLY B 210 -6.49 -10.68 16.68
CA GLY B 210 -6.88 -9.31 16.48
C GLY B 210 -5.84 -8.53 15.70
N PHE B 211 -6.25 -7.35 15.24
CA PHE B 211 -5.43 -6.56 14.33
C PHE B 211 -4.57 -5.56 15.10
N LEU B 212 -3.33 -5.40 14.66
CA LEU B 212 -2.46 -4.33 15.13
C LEU B 212 -2.04 -3.49 13.93
N VAL B 213 -2.22 -2.18 14.04
CA VAL B 213 -1.90 -1.24 12.96
C VAL B 213 -0.92 -0.22 13.51
N ILE B 214 0.27 -0.16 12.90
CA ILE B 214 1.33 0.72 13.37
C ILE B 214 1.80 1.56 12.19
N MET B 215 1.75 2.88 12.34
CA MET B 215 2.39 3.81 11.41
C MET B 215 3.29 4.73 12.22
N ASP B 216 4.57 4.75 11.89
CA ASP B 216 5.54 5.56 12.63
C ASP B 216 6.66 5.95 11.69
N ALA B 217 7.58 6.75 12.20
CA ALA B 217 8.70 7.24 11.39
C ALA B 217 9.78 6.16 11.26
N LEU B 218 10.57 6.28 10.20
CA LEU B 218 11.70 5.40 9.95
C LEU B 218 12.99 6.21 10.09
N LYS B 219 13.94 5.68 10.86
CA LYS B 219 15.26 6.28 11.01
C LYS B 219 15.16 7.73 11.49
N SER B 220 14.44 7.94 12.59
CA SER B 220 14.17 9.26 13.13
C SER B 220 14.68 9.32 14.56
N SER B 221 15.73 10.10 14.79
CA SER B 221 16.27 10.27 16.13
C SER B 221 15.58 11.38 16.92
N TYR B 222 14.82 12.26 16.25
CA TYR B 222 14.21 13.39 16.92
C TYR B 222 13.11 13.96 16.03
N TYR B 223 12.24 14.76 16.64
CA TYR B 223 11.30 15.59 15.90
C TYR B 223 11.08 16.88 16.67
N MET B 224 10.73 17.93 15.95
CA MET B 224 10.72 19.29 16.48
C MET B 224 9.29 19.83 16.59
N ILE B 225 9.04 20.55 17.68
CA ILE B 225 7.82 21.34 17.84
C ILE B 225 8.29 22.78 18.02
N GLY B 226 8.46 23.48 16.90
CA GLY B 226 9.15 24.77 16.93
C GLY B 226 10.59 24.60 17.38
N GLU B 227 10.91 25.14 18.55
CA GLU B 227 12.25 25.00 19.10
C GLU B 227 12.39 23.86 20.09
N GLN B 228 11.28 23.22 20.46
CA GLN B 228 11.32 22.10 21.40
C GLN B 228 11.71 20.82 20.67
N LYS B 229 12.80 20.19 21.11
CA LYS B 229 13.21 18.90 20.57
C LYS B 229 12.63 17.78 21.41
N PHE B 230 12.24 16.70 20.74
CA PHE B 230 11.72 15.51 21.40
C PHE B 230 12.41 14.29 20.82
N SER B 231 12.69 13.31 21.68
CA SER B 231 13.41 12.13 21.27
C SER B 231 12.48 11.17 20.55
N SER B 232 13.01 10.53 19.50
CA SER B 232 12.31 9.49 18.78
C SER B 232 13.25 8.31 18.58
N LEU B 233 12.71 7.10 18.66
CA LEU B 233 13.54 5.93 18.46
C LEU B 233 13.78 5.74 16.97
N PRO B 234 15.02 5.88 16.50
CA PRO B 234 15.28 5.76 15.06
C PRO B 234 15.32 4.29 14.67
N LEU B 235 14.36 3.88 13.84
CA LEU B 235 14.13 2.48 13.55
C LEU B 235 14.18 2.24 12.06
N GLY B 236 14.87 1.17 11.67
CA GLY B 236 14.80 0.69 10.33
C GLY B 236 13.65 -0.29 10.15
N ARG B 237 13.28 -0.50 8.88
CA ARG B 237 12.27 -1.48 8.52
C ARG B 237 12.50 -2.82 9.21
N GLU B 238 13.75 -3.28 9.22
CA GLU B 238 14.07 -4.60 9.78
C GLU B 238 13.82 -4.64 11.29
N ALA B 239 14.30 -3.63 12.01
CA ALA B 239 14.09 -3.56 13.46
C ALA B 239 12.61 -3.57 13.80
N VAL B 240 11.78 -2.88 13.02
CA VAL B 240 10.34 -2.88 13.26
C VAL B 240 9.79 -4.29 13.09
N GLU B 241 10.01 -4.89 11.91
CA GLU B 241 9.53 -6.23 11.64
C GLU B 241 9.95 -7.22 12.73
N ALA B 242 11.20 -7.11 13.20
CA ALA B 242 11.70 -8.05 14.19
C ALA B 242 11.03 -7.83 15.55
N ALA B 243 10.96 -6.57 15.99
CA ALA B 243 10.26 -6.26 17.24
C ALA B 243 8.80 -6.68 17.19
N VAL B 244 8.17 -6.55 16.02
CA VAL B 244 6.77 -6.94 15.88
C VAL B 244 6.65 -8.47 15.91
N LYS B 245 7.43 -9.16 15.09
CA LYS B 245 7.43 -10.62 15.08
C LYS B 245 7.72 -11.19 16.46
N GLU B 246 8.64 -10.57 17.20
CA GLU B 246 8.99 -11.07 18.52
C GLU B 246 7.84 -10.88 19.51
N ALA B 247 7.06 -9.83 19.37
CA ALA B 247 5.99 -9.54 20.32
C ALA B 247 4.79 -10.45 20.18
N GLY B 248 4.81 -11.41 19.26
CA GLY B 248 3.69 -12.30 19.08
C GLY B 248 2.74 -11.87 17.97
N TYR B 249 3.30 -11.31 16.90
CA TYR B 249 2.52 -10.82 15.79
C TYR B 249 3.05 -11.36 14.47
N THR B 250 2.14 -11.59 13.53
CA THR B 250 2.49 -11.85 12.14
C THR B 250 2.07 -10.65 11.30
N ILE B 251 2.97 -10.15 10.48
CA ILE B 251 2.71 -8.98 9.66
C ILE B 251 1.97 -9.42 8.39
N GLU B 252 0.77 -8.87 8.18
CA GLU B 252 0.00 -9.21 6.99
C GLU B 252 0.47 -8.42 5.79
N TRP B 253 0.69 -7.12 5.95
CA TRP B 253 1.44 -6.36 4.96
C TRP B 253 2.19 -5.23 5.64
N PHE B 254 3.20 -4.71 4.94
CA PHE B 254 4.16 -3.80 5.53
C PHE B 254 4.63 -2.88 4.42
N GLU B 255 4.29 -1.59 4.54
CA GLU B 255 4.61 -0.61 3.52
C GLU B 255 5.62 0.40 4.06
N VAL B 256 6.43 0.96 3.16
CA VAL B 256 7.45 1.94 3.51
C VAL B 256 7.45 3.03 2.46
N ILE B 257 7.40 4.28 2.90
CA ILE B 257 7.35 5.43 2.01
C ILE B 257 8.59 6.28 2.22
N SER B 258 9.02 6.96 1.15
CA SER B 258 10.25 7.73 1.19
C SER B 258 10.05 9.17 1.60
N GLN B 259 8.87 9.74 1.35
CA GLN B 259 8.56 11.11 1.76
C GLN B 259 8.87 11.29 3.24
N SER B 260 9.52 12.40 3.56
CA SER B 260 9.92 12.68 4.93
C SER B 260 9.40 14.06 5.34
N TYR B 261 9.38 14.28 6.65
CA TYR B 261 9.06 15.61 7.16
C TYR B 261 10.17 16.59 6.76
N SER B 262 9.81 17.86 6.72
CA SER B 262 10.80 18.90 6.40
C SER B 262 11.98 18.83 7.37
N SER B 263 13.15 19.24 6.87
CA SER B 263 14.37 19.14 7.65
C SER B 263 14.31 19.96 8.93
N THR B 264 13.48 21.00 8.96
CA THR B 264 13.32 21.82 10.15
C THR B 264 12.48 21.16 11.22
N MET B 265 11.89 20.00 10.93
CA MET B 265 10.92 19.37 11.83
C MET B 265 11.28 17.96 12.24
N ALA B 266 12.04 17.23 11.43
CA ALA B 266 12.41 15.85 11.73
C ALA B 266 13.54 15.43 10.81
N ASN B 267 14.41 14.56 11.32
CA ASN B 267 15.48 13.96 10.55
C ASN B 267 15.13 12.57 10.05
N ASN B 268 13.84 12.27 9.90
CA ASN B 268 13.42 10.92 9.54
C ASN B 268 13.74 10.62 8.08
N GLU B 269 13.91 9.34 7.80
CA GLU B 269 14.17 8.87 6.44
C GLU B 269 12.95 8.12 5.92
N GLY B 270 11.79 8.75 6.00
CA GLY B 270 10.55 8.14 5.54
C GLY B 270 9.68 7.66 6.68
N LEU B 271 8.65 6.89 6.30
CA LEU B 271 7.69 6.34 7.24
C LEU B 271 7.36 4.91 6.84
N PHE B 272 6.85 4.16 7.82
CA PHE B 272 6.41 2.79 7.57
C PHE B 272 4.98 2.62 8.06
N SER B 273 4.27 1.68 7.42
CA SER B 273 2.91 1.32 7.80
C SER B 273 2.77 -0.19 7.73
N LEU B 274 2.01 -0.76 8.67
CA LEU B 274 1.89 -2.20 8.73
C LEU B 274 0.55 -2.60 9.35
N VAL B 275 0.09 -3.78 8.98
CA VAL B 275 -1.05 -4.44 9.63
C VAL B 275 -0.57 -5.80 10.13
N ALA B 276 -0.84 -6.09 11.40
CA ALA B 276 -0.37 -7.31 12.01
C ALA B 276 -1.46 -7.94 12.86
N ARG B 277 -1.42 -9.27 12.96
CA ARG B 277 -2.36 -10.02 13.76
C ARG B 277 -1.62 -10.63 14.95
N LYS B 278 -2.34 -10.82 16.06
CA LYS B 278 -1.74 -11.43 17.23
C LYS B 278 -1.86 -12.94 17.13
N LEU B 279 -0.75 -13.63 17.34
CA LEU B 279 -0.72 -15.09 17.24
C LEU B 279 -1.15 -15.75 18.54
N15 5R4 C . 2.20 -12.97 -16.95
C23 5R4 C . 1.12 -15.21 -11.78
C24 5R4 C . 1.32 -15.43 -10.43
C30 5R4 C . 3.44 -15.04 -12.14
C31 5R4 C . 3.56 -12.95 -20.00
C33 5R4 C . 4.73 -12.83 -21.05
C27 5R4 C . 5.05 -15.29 -10.19
C26 5R4 C . 3.67 -15.26 -10.77
C25 5R4 C . 2.59 -15.46 -9.88
C14 5R4 C . 3.67 -12.90 -17.28
C17 5R4 C . 1.91 -10.35 -17.15
C22 5R4 C . 2.18 -15.02 -12.70
C21 5R4 C . 1.89 -14.80 -14.10
C19 5R4 C . 1.57 -14.27 -16.66
C12 5R4 C . 5.61 -12.24 -18.84
C02 5R4 C . 10.03 -10.48 -22.22
C04 5R4 C . 8.46 -8.81 -21.99
C06 5R4 C . 7.86 -10.93 -21.32
C07 5R4 C . 9.15 -11.42 -21.70
C08 5R4 C . 9.14 -12.82 -21.40
C09 5R4 C . 7.92 -13.17 -20.87
C11 5R4 C . 5.73 -11.90 -20.32
C13 5R4 C . 4.08 -12.32 -18.67
C16 5R4 C . 1.36 -11.74 -16.89
C20 5R4 C . 1.71 -14.61 -15.26
N03 5R4 C . 9.74 -9.19 -22.39
N05 5R4 C . 7.51 -9.59 -21.47
N10 5R4 C . 7.13 -11.98 -20.82
N28 5R4 C . 5.41 -16.32 -9.40
O18 5R4 C . 0.19 -11.82 -16.62
O29 5R4 C . 5.86 -14.36 -10.43
O32 5R4 C . 2.49 -12.20 -20.50
O34 5R4 C . 4.20 -12.20 -22.18
CL1 5R4 C . 11.66 -10.95 -22.73
N15 5R4 D . 2.77 12.18 19.11
C23 5R4 D . 5.93 13.85 14.50
C24 5R4 D . 6.80 13.71 13.43
C30 5R4 D . 7.05 12.13 15.67
C31 5R4 D . 2.37 12.09 22.55
C33 5R4 D . 2.74 11.47 23.95
C27 5R4 D . 9.06 10.99 14.61
C26 5R4 D . 7.95 11.99 14.60
C25 5R4 D . 7.83 12.79 13.45
C14 5R4 D . 3.46 11.35 20.16
C17 5R4 D . 0.91 10.37 18.73
C22 5R4 D . 6.02 13.06 15.68
C21 5R4 D . 5.07 13.27 16.75
C19 5R4 D . 3.32 13.50 18.73
C12 5R4 D . 3.25 9.80 22.21
C02 5R4 D . 4.07 6.39 26.77
C04 5R4 D . 1.93 6.19 25.96
C06 5R4 D . 3.18 7.99 25.25
C07 5R4 D . 4.27 7.56 26.04
C08 5R4 D . 5.32 8.51 25.84
C09 5R4 D . 4.89 9.48 24.97
C11 5R4 D . 2.73 9.95 23.66
C13 5R4 D . 2.64 11.01 21.46
C16 5R4 D . 1.55 11.70 18.43
C20 5R4 D . 4.30 13.40 17.64
N03 5R4 D . 2.94 5.68 26.77
N05 5R4 D . 1.98 7.29 25.21
N10 5R4 D . 3.56 9.16 24.59
N28 5R4 D . 10.32 11.39 14.31
O18 5R4 D . 1.01 12.38 17.59
O29 5R4 D . 8.84 9.80 14.92
O32 5R4 D . 1.01 12.40 22.58
O34 5R4 D . 1.70 11.80 24.82
CL1 5R4 D . 5.36 5.74 27.81
#